data_4S2A
#
_entry.id   4S2A
#
_cell.length_a   116.657
_cell.length_b   68.922
_cell.length_c   97.620
_cell.angle_alpha   90.00
_cell.angle_beta   120.30
_cell.angle_gamma   90.00
#
_symmetry.space_group_name_H-M   'C 1 2 1'
#
loop_
_entity.id
_entity.type
_entity.pdbx_description
1 polymer 'Phosphomethylpyrimidine synthase'
2 non-polymer 'IRON/SULFUR CLUSTER'
3 non-polymer 'PHOSPHATE ION'
#
_entity_poly.entity_id   1
_entity_poly.type   'polypeptide(L)'
_entity_poly.pdbx_seq_one_letter_code
;GHMNIQSTIKAVAETISTGPIPGSRKVYQAGELFPELRVPFREVAVHPSANEPPVTIYDPSGPYSDPAIQIDIEKGLPRT
REALVVARGDVEEVADPRQVKPEDNGFAQGKHLAPEFPDTGRKIYRAKPGKLVTQLEYARAGIITAEMEYVAIRENLRRE
QDRPCVRDGEDFGASIPDFVTPEFVRQEIARGRAIIPANINHGELEPMAIGRNFLVKINANIGNSAVLSTVADEVDKLVW
ATRWGADTVMDLSTGRNIHNIRDWIIRNSSVPIGTVPIYQALEKVNGVAEDLNWEVFRDTLIEQCEQGVDYFTIHAGVRL
PFIPMTAKRVTGIVSRGGSIMAKWCLAHHKENFLYERFDEICEIMRAYDVSFSLGDGLRPGSTADANDEAQFSELRTLGE
LTKVAWKHGVQVMIEGPGHVAMHKIKANMDEQLKHCHEAPFYTLGPLTTDIAPGYDHITSAIGAAMIGWFGTAMLCYVTP
KEHLGLPDRDDVKTGVITYKLAAHAADLAKGHPGAAMWDDAISRARFEFRWEDQFNLGLDPETARKFHDETLPKEAHKTA
HFCSMCGPKFCSMKISQEVRDFAAGKAPNSAELGMAEMSEKFREQGSEIYLKTE
;
_entity_poly.pdbx_strand_id   A
#
loop_
_chem_comp.id
_chem_comp.type
_chem_comp.name
_chem_comp.formula
PO4 non-polymer 'PHOSPHATE ION' 'O4 P -3'
SF4 non-polymer 'IRON/SULFUR CLUSTER' 'Fe4 S4'
#
# COMPACT_ATOMS: atom_id res chain seq x y z
N SER A 17 -0.23 -10.20 -17.07
CA SER A 17 -0.60 -9.66 -18.37
C SER A 17 -0.69 -8.13 -18.33
N THR A 18 -0.68 -7.52 -19.50
CA THR A 18 -0.72 -6.07 -19.60
C THR A 18 -2.05 -5.57 -20.17
N GLY A 19 -2.00 -4.45 -20.87
CA GLY A 19 -3.21 -3.87 -21.44
C GLY A 19 -3.99 -3.06 -20.44
N PRO A 20 -4.84 -2.15 -20.93
CA PRO A 20 -5.70 -1.31 -20.08
C PRO A 20 -6.58 -2.12 -19.15
N ILE A 21 -6.65 -1.71 -17.89
CA ILE A 21 -7.51 -2.36 -16.91
C ILE A 21 -8.97 -2.23 -17.32
N PRO A 22 -9.68 -3.38 -17.40
CA PRO A 22 -11.07 -3.49 -17.87
C PRO A 22 -12.01 -2.40 -17.33
N GLY A 23 -12.63 -1.65 -18.24
CA GLY A 23 -13.60 -0.64 -17.87
C GLY A 23 -12.99 0.69 -17.46
N SER A 24 -11.68 0.81 -17.60
CA SER A 24 -10.97 2.04 -17.20
C SER A 24 -10.03 2.52 -18.29
N ARG A 25 -9.37 3.65 -18.03
CA ARG A 25 -8.41 4.21 -18.98
C ARG A 25 -7.31 4.99 -18.25
N LYS A 26 -6.06 4.74 -18.63
CA LYS A 26 -4.91 5.42 -18.03
C LYS A 26 -4.94 6.92 -18.32
N VAL A 27 -4.95 7.71 -17.27
CA VAL A 27 -4.91 9.17 -17.41
C VAL A 27 -3.77 9.76 -16.59
N TYR A 28 -3.32 10.94 -16.98
CA TYR A 28 -2.20 11.60 -16.30
C TYR A 28 -2.53 13.04 -15.92
N GLN A 29 -1.87 13.53 -14.88
CA GLN A 29 -1.95 14.93 -14.51
C GLN A 29 -0.54 15.51 -14.41
N ALA A 30 -0.31 16.61 -15.12
CA ALA A 30 1.00 17.24 -15.16
C ALA A 30 1.32 17.95 -13.84
N GLY A 31 2.58 18.32 -13.67
CA GLY A 31 3.01 19.02 -12.47
C GLY A 31 3.06 20.53 -12.67
N GLU A 32 2.97 21.26 -11.57
CA GLU A 32 3.06 22.72 -11.61
C GLU A 32 4.48 23.18 -11.31
N LEU A 33 5.01 22.77 -10.16
CA LEU A 33 6.39 23.07 -9.79
C LEU A 33 7.35 22.33 -10.71
N PHE A 34 6.95 21.14 -11.12
CA PHE A 34 7.74 20.32 -12.02
C PHE A 34 6.89 19.87 -13.21
N PRO A 35 6.82 20.70 -14.26
CA PRO A 35 6.00 20.46 -15.44
C PRO A 35 6.34 19.16 -16.18
N GLU A 36 7.50 18.60 -15.87
CA GLU A 36 7.94 17.35 -16.49
C GLU A 36 7.12 16.15 -15.99
N LEU A 37 6.66 16.24 -14.75
CA LEU A 37 5.95 15.14 -14.09
C LEU A 37 4.65 14.76 -14.80
N ARG A 38 4.32 13.47 -14.76
CA ARG A 38 3.07 12.95 -15.29
C ARG A 38 2.48 11.92 -14.33
N VAL A 39 1.75 12.40 -13.32
CA VAL A 39 1.21 11.53 -12.28
C VAL A 39 0.09 10.63 -12.82
N PRO A 40 0.24 9.31 -12.63
CA PRO A 40 -0.65 8.31 -13.22
C PRO A 40 -1.93 8.03 -12.43
N PHE A 41 -3.02 7.85 -13.15
CA PHE A 41 -4.29 7.42 -12.59
C PHE A 41 -4.99 6.52 -13.59
N ARG A 42 -6.16 6.01 -13.22
CA ARG A 42 -7.05 5.38 -14.19
C ARG A 42 -8.49 5.82 -13.92
N GLU A 43 -9.07 6.50 -14.91
CA GLU A 43 -10.42 7.02 -14.73
C GLU A 43 -11.46 6.04 -15.25
N VAL A 44 -12.65 6.09 -14.65
CA VAL A 44 -13.76 5.27 -15.07
C VAL A 44 -14.94 6.16 -15.40
N ALA A 45 -15.20 6.34 -16.69
CA ALA A 45 -16.28 7.20 -17.14
C ALA A 45 -17.63 6.55 -16.83
N VAL A 46 -18.57 7.38 -16.38
CA VAL A 46 -19.92 6.91 -16.12
C VAL A 46 -20.82 7.24 -17.29
N HIS A 47 -22.06 6.76 -17.24
CA HIS A 47 -23.03 7.00 -18.31
C HIS A 47 -23.24 8.50 -18.50
N PRO A 48 -23.28 8.94 -19.76
CA PRO A 48 -23.41 10.36 -20.12
C PRO A 48 -24.60 11.06 -19.47
N SER A 49 -25.71 10.36 -19.32
CA SER A 49 -26.93 10.97 -18.77
C SER A 49 -26.97 10.94 -17.25
N ALA A 50 -25.89 10.46 -16.63
CA ALA A 50 -25.81 10.44 -15.17
C ALA A 50 -25.40 11.80 -14.63
N ASN A 51 -24.87 12.64 -15.52
CA ASN A 51 -24.42 13.99 -15.17
C ASN A 51 -23.37 13.99 -14.06
N GLU A 52 -22.50 13.00 -14.07
CA GLU A 52 -21.42 12.90 -13.09
C GLU A 52 -20.06 12.94 -13.76
N PRO A 53 -19.07 13.56 -13.10
CA PRO A 53 -17.70 13.51 -13.62
C PRO A 53 -17.15 12.09 -13.56
N PRO A 54 -16.12 11.77 -14.37
CA PRO A 54 -15.52 10.44 -14.30
C PRO A 54 -14.89 10.18 -12.93
N VAL A 55 -14.85 8.92 -12.51
CA VAL A 55 -14.28 8.56 -11.22
C VAL A 55 -12.80 8.26 -11.36
N THR A 56 -11.98 9.02 -10.63
CA THR A 56 -10.53 8.83 -10.67
C THR A 56 -10.08 7.84 -9.60
N ILE A 57 -9.31 6.84 -10.01
CA ILE A 57 -8.87 5.79 -9.11
C ILE A 57 -7.34 5.72 -9.04
N TYR A 58 -6.82 5.42 -7.86
CA TYR A 58 -5.39 5.24 -7.66
C TYR A 58 -4.91 4.04 -8.50
N ASP A 59 -3.79 4.21 -9.19
CA ASP A 59 -3.33 3.18 -10.12
C ASP A 59 -1.81 2.97 -10.06
N PRO A 60 -1.37 1.93 -9.35
CA PRO A 60 0.06 1.62 -9.22
C PRO A 60 0.57 0.70 -10.33
N SER A 61 -0.31 0.33 -11.26
CA SER A 61 0.02 -0.65 -12.30
C SER A 61 1.15 -0.19 -13.21
N GLY A 62 1.32 1.12 -13.35
CA GLY A 62 2.38 1.66 -14.17
C GLY A 62 2.10 1.63 -15.66
N PRO A 63 3.16 1.71 -16.49
CA PRO A 63 3.06 1.76 -17.95
C PRO A 63 2.49 0.50 -18.60
N TYR A 64 2.24 -0.54 -17.81
CA TYR A 64 1.70 -1.79 -18.34
C TYR A 64 0.21 -1.67 -18.62
N SER A 65 -0.44 -0.68 -18.02
CA SER A 65 -1.86 -0.42 -18.26
C SER A 65 -2.03 0.65 -19.33
N ASP A 66 -0.94 1.29 -19.70
CA ASP A 66 -0.96 2.33 -20.72
C ASP A 66 -0.70 1.74 -22.10
N PRO A 67 -1.72 1.76 -22.97
CA PRO A 67 -1.63 1.20 -24.32
C PRO A 67 -0.83 2.09 -25.27
N ALA A 68 -0.30 3.20 -24.75
CA ALA A 68 0.51 4.10 -25.56
C ALA A 68 2.00 3.84 -25.33
N ILE A 69 2.31 2.95 -24.39
CA ILE A 69 3.69 2.62 -24.06
C ILE A 69 3.97 1.14 -24.30
N GLN A 70 4.95 0.85 -25.16
CA GLN A 70 5.35 -0.52 -25.43
C GLN A 70 6.43 -0.95 -24.44
N ILE A 71 6.09 -1.96 -23.63
CA ILE A 71 7.01 -2.43 -22.59
C ILE A 71 7.79 -3.66 -23.04
N ASP A 72 9.11 -3.54 -23.08
CA ASP A 72 9.99 -4.66 -23.38
C ASP A 72 10.85 -4.98 -22.16
N ILE A 73 10.60 -6.12 -21.54
CA ILE A 73 11.29 -6.50 -20.31
C ILE A 73 12.80 -6.64 -20.52
N GLU A 74 13.21 -6.90 -21.76
CA GLU A 74 14.63 -6.98 -22.10
C GLU A 74 15.26 -5.59 -22.12
N LYS A 75 14.42 -4.57 -22.16
CA LYS A 75 14.89 -3.19 -22.17
C LYS A 75 14.59 -2.50 -20.84
N GLY A 76 13.46 -2.85 -20.24
CA GLY A 76 13.06 -2.27 -18.96
C GLY A 76 12.22 -1.03 -19.13
N LEU A 77 11.48 -0.67 -18.07
CA LEU A 77 10.64 0.52 -18.09
C LEU A 77 11.48 1.79 -18.22
N PRO A 78 10.93 2.82 -18.88
CA PRO A 78 11.66 4.09 -19.05
C PRO A 78 11.91 4.81 -17.73
N ARG A 79 13.16 5.22 -17.51
CA ARG A 79 13.51 5.93 -16.28
C ARG A 79 13.05 7.38 -16.32
N THR A 80 11.77 7.59 -15.99
CA THR A 80 11.16 8.91 -16.09
C THR A 80 11.42 9.76 -14.85
N ARG A 81 12.07 9.17 -13.85
CA ARG A 81 12.40 9.90 -12.64
C ARG A 81 13.85 10.35 -12.66
N GLU A 82 14.68 9.62 -13.41
CA GLU A 82 16.12 9.84 -13.44
C GLU A 82 16.51 11.27 -13.79
N ALA A 83 15.81 11.87 -14.74
CA ALA A 83 16.15 13.21 -15.23
C ALA A 83 16.03 14.28 -14.15
N LEU A 84 15.15 14.05 -13.18
CA LEU A 84 14.89 15.03 -12.14
C LEU A 84 15.71 14.78 -10.88
N VAL A 85 16.21 13.55 -10.72
CA VAL A 85 17.07 13.23 -9.59
C VAL A 85 18.45 13.84 -9.81
N VAL A 86 18.94 13.72 -11.04
CA VAL A 86 20.22 14.32 -11.43
C VAL A 86 20.09 15.84 -11.46
N ALA A 87 18.89 16.31 -11.81
CA ALA A 87 18.63 17.75 -11.91
C ALA A 87 18.82 18.46 -10.58
N ARG A 88 18.68 17.74 -9.48
CA ARG A 88 18.91 18.31 -8.16
C ARG A 88 20.39 18.60 -7.97
N GLY A 89 21.24 17.82 -8.63
CA GLY A 89 22.67 18.05 -8.61
C GLY A 89 23.34 17.57 -7.33
N ASP A 90 22.65 16.72 -6.58
CA ASP A 90 23.20 16.21 -5.33
C ASP A 90 23.84 14.84 -5.55
N VAL A 91 23.44 14.17 -6.62
CA VAL A 91 23.98 12.85 -6.94
C VAL A 91 25.10 12.94 -7.97
N GLU A 92 25.98 11.95 -7.94
CA GLU A 92 27.06 11.84 -8.92
C GLU A 92 27.10 10.42 -9.44
N GLU A 93 27.64 10.24 -10.65
CA GLU A 93 27.74 8.90 -11.23
C GLU A 93 28.91 8.14 -10.63
N VAL A 94 28.64 6.93 -10.13
CA VAL A 94 29.68 6.09 -9.56
C VAL A 94 30.67 5.67 -10.65
N ALA A 95 31.92 6.10 -10.50
CA ALA A 95 32.95 5.79 -11.48
C ALA A 95 33.22 4.29 -11.54
N ASP A 96 33.23 3.65 -10.38
CA ASP A 96 33.42 2.21 -10.30
C ASP A 96 32.29 1.54 -9.52
N PRO A 97 31.26 1.09 -10.23
CA PRO A 97 30.14 0.37 -9.60
C PRO A 97 30.57 -1.02 -9.14
N ARG A 98 29.69 -1.71 -8.41
CA ARG A 98 30.02 -3.03 -7.87
C ARG A 98 29.65 -4.15 -8.83
N GLN A 99 30.67 -4.80 -9.38
CA GLN A 99 30.46 -5.90 -10.32
C GLN A 99 29.87 -7.13 -9.62
N VAL A 100 29.02 -7.86 -10.34
CA VAL A 100 28.33 -9.01 -9.76
C VAL A 100 29.28 -10.20 -9.53
N LYS A 101 29.27 -10.73 -8.31
CA LYS A 101 30.14 -11.81 -7.91
C LYS A 101 29.38 -13.14 -7.91
N PRO A 102 30.10 -14.27 -8.02
CA PRO A 102 29.47 -15.60 -8.03
C PRO A 102 28.48 -15.86 -6.90
N GLU A 103 28.79 -15.41 -5.68
CA GLU A 103 27.95 -15.68 -4.54
C GLU A 103 26.65 -14.87 -4.55
N ASP A 104 26.59 -13.86 -5.40
CA ASP A 104 25.39 -13.04 -5.53
C ASP A 104 24.24 -13.86 -6.11
N ASN A 105 24.58 -14.85 -6.92
CA ASN A 105 23.57 -15.72 -7.52
C ASN A 105 23.69 -17.15 -7.00
N GLY A 106 24.30 -17.31 -5.83
CA GLY A 106 24.42 -18.61 -5.20
C GLY A 106 25.37 -19.54 -5.91
N PHE A 107 26.44 -18.97 -6.46
CA PHE A 107 27.47 -19.74 -7.17
C PHE A 107 26.92 -20.55 -8.33
N ALA A 108 25.89 -20.01 -8.98
CA ALA A 108 25.29 -20.67 -10.13
C ALA A 108 26.06 -20.30 -11.39
N GLN A 109 26.23 -21.28 -12.28
CA GLN A 109 26.95 -21.05 -13.53
C GLN A 109 26.30 -21.81 -14.68
N GLY A 110 26.72 -21.50 -15.90
CA GLY A 110 26.24 -22.20 -17.08
C GLY A 110 24.76 -22.02 -17.33
N LYS A 111 24.08 -23.13 -17.61
CA LYS A 111 22.66 -23.11 -17.93
C LYS A 111 21.78 -22.97 -16.69
N HIS A 112 22.39 -23.08 -15.53
CA HIS A 112 21.67 -22.96 -14.26
C HIS A 112 21.75 -21.55 -13.71
N LEU A 113 22.44 -20.67 -14.44
CA LEU A 113 22.56 -19.27 -14.04
C LEU A 113 21.52 -18.43 -14.77
N ALA A 114 20.77 -17.63 -14.00
CA ALA A 114 19.72 -16.79 -14.56
C ALA A 114 20.29 -15.79 -15.57
N PRO A 115 19.51 -15.50 -16.63
CA PRO A 115 19.93 -14.54 -17.66
C PRO A 115 20.25 -13.17 -17.08
N GLU A 116 21.45 -12.67 -17.35
CA GLU A 116 21.85 -11.36 -16.88
C GLU A 116 21.10 -10.27 -17.64
N PHE A 117 20.55 -9.30 -16.90
CA PHE A 117 19.88 -8.16 -17.50
C PHE A 117 20.90 -7.23 -18.14
N PRO A 118 20.66 -6.84 -19.40
CA PRO A 118 21.55 -5.92 -20.12
C PRO A 118 21.54 -4.51 -19.53
N ASP A 119 22.15 -4.37 -18.36
CA ASP A 119 22.16 -3.10 -17.62
C ASP A 119 23.36 -2.25 -18.02
N THR A 120 23.76 -2.34 -19.28
CA THR A 120 24.95 -1.65 -19.79
C THR A 120 24.80 -0.13 -19.79
N GLY A 121 23.68 0.35 -20.30
CA GLY A 121 23.45 1.78 -20.44
C GLY A 121 22.67 2.41 -19.30
N ARG A 122 22.92 1.95 -18.08
CA ARG A 122 22.24 2.51 -16.92
C ARG A 122 23.25 3.09 -15.94
N LYS A 123 23.20 4.41 -15.77
CA LYS A 123 24.13 5.08 -14.87
C LYS A 123 23.76 4.81 -13.41
N ILE A 124 24.77 4.46 -12.63
CA ILE A 124 24.58 4.19 -11.20
C ILE A 124 25.06 5.37 -10.38
N TYR A 125 24.18 5.88 -9.51
CA TYR A 125 24.47 7.10 -8.78
C TYR A 125 24.73 6.88 -7.30
N ARG A 126 25.53 7.77 -6.72
CA ARG A 126 25.73 7.83 -5.28
C ARG A 126 25.77 9.30 -4.89
N ALA A 127 25.34 9.60 -3.67
CA ALA A 127 25.30 10.98 -3.21
C ALA A 127 26.69 11.59 -3.16
N LYS A 128 26.79 12.85 -3.57
CA LYS A 128 28.03 13.61 -3.42
C LYS A 128 28.28 13.86 -1.94
N PRO A 129 29.54 13.72 -1.49
CA PRO A 129 29.89 13.97 -0.09
C PRO A 129 29.52 15.38 0.36
N GLY A 130 28.81 15.48 1.48
CA GLY A 130 28.39 16.77 2.00
C GLY A 130 27.02 17.20 1.52
N LYS A 131 26.59 16.65 0.39
CA LYS A 131 25.31 17.00 -0.19
C LYS A 131 24.17 16.17 0.39
N LEU A 132 22.97 16.75 0.43
CA LEU A 132 21.78 16.04 0.89
C LEU A 132 21.27 15.09 -0.18
N VAL A 133 20.64 13.99 0.22
CA VAL A 133 20.20 12.99 -0.75
C VAL A 133 18.80 12.45 -0.45
N THR A 134 18.55 12.15 0.82
CA THR A 134 17.27 11.53 1.20
C THR A 134 16.14 12.55 1.27
N GLN A 135 14.92 12.08 1.07
CA GLN A 135 13.74 12.93 1.10
C GLN A 135 13.58 13.59 2.48
N LEU A 136 13.93 12.86 3.53
CA LEU A 136 13.89 13.38 4.88
C LEU A 136 14.83 14.57 5.03
N GLU A 137 16.04 14.44 4.48
CA GLU A 137 17.03 15.50 4.53
C GLU A 137 16.57 16.74 3.76
N TYR A 138 15.96 16.52 2.61
CA TYR A 138 15.41 17.62 1.83
C TYR A 138 14.27 18.29 2.59
N ALA A 139 13.40 17.47 3.17
CA ALA A 139 12.23 17.97 3.89
C ALA A 139 12.61 18.87 5.05
N ARG A 140 13.58 18.42 5.86
CA ARG A 140 14.03 19.19 7.01
C ARG A 140 14.85 20.40 6.58
N ALA A 141 15.20 20.46 5.31
CA ALA A 141 15.94 21.60 4.77
C ALA A 141 15.00 22.62 4.17
N GLY A 142 13.71 22.30 4.16
CA GLY A 142 12.70 23.17 3.59
C GLY A 142 12.61 23.03 2.09
N ILE A 143 13.10 21.91 1.57
CA ILE A 143 13.13 21.67 0.13
C ILE A 143 11.98 20.78 -0.31
N ILE A 144 11.29 21.20 -1.37
CA ILE A 144 10.25 20.37 -1.97
C ILE A 144 10.77 19.75 -3.26
N THR A 145 10.99 18.43 -3.21
CA THR A 145 11.55 17.71 -4.35
C THR A 145 10.48 17.36 -5.37
N ALA A 146 10.91 16.76 -6.48
CA ALA A 146 9.98 16.36 -7.53
C ALA A 146 9.06 15.26 -7.05
N GLU A 147 9.59 14.37 -6.22
CA GLU A 147 8.82 13.25 -5.68
C GLU A 147 7.73 13.72 -4.72
N MET A 148 7.99 14.82 -4.02
CA MET A 148 7.02 15.33 -3.04
C MET A 148 5.78 15.91 -3.72
N GLU A 149 5.97 16.62 -4.82
CA GLU A 149 4.84 17.15 -5.58
C GLU A 149 4.16 16.01 -6.33
N TYR A 150 4.94 15.00 -6.68
CA TYR A 150 4.44 13.84 -7.39
C TYR A 150 3.39 13.09 -6.57
N VAL A 151 3.70 12.87 -5.29
CA VAL A 151 2.79 12.13 -4.42
C VAL A 151 1.62 13.01 -3.97
N ALA A 152 1.82 14.32 -3.97
CA ALA A 152 0.77 15.25 -3.58
C ALA A 152 -0.37 15.19 -4.60
N ILE A 153 -0.02 15.30 -5.87
CA ILE A 153 -0.99 15.17 -6.95
C ILE A 153 -1.68 13.82 -6.91
N ARG A 154 -0.88 12.77 -6.65
CA ARG A 154 -1.38 11.40 -6.68
C ARG A 154 -2.36 11.11 -5.55
N GLU A 155 -2.17 11.76 -4.41
CA GLU A 155 -3.01 11.51 -3.23
C GLU A 155 -4.35 12.23 -3.32
N ASN A 156 -4.41 13.29 -4.13
CA ASN A 156 -5.64 14.07 -4.28
C ASN A 156 -6.62 13.43 -5.26
N LEU A 157 -6.14 12.43 -6.00
CA LEU A 157 -6.95 11.69 -6.97
C LEU A 157 -7.58 12.61 -8.01
N ARG A 158 -6.78 13.55 -8.51
CA ARG A 158 -7.19 14.45 -9.59
C ARG A 158 -8.45 15.24 -9.24
N ARG A 159 -8.66 15.44 -7.94
CA ARG A 159 -9.82 16.16 -7.45
C ARG A 159 -9.48 17.65 -7.29
N GLU A 160 -10.44 18.52 -7.61
CA GLU A 160 -10.23 19.94 -7.51
C GLU A 160 -10.16 20.41 -6.06
N GLN A 161 -9.29 21.39 -5.79
CA GLN A 161 -9.18 21.96 -4.46
C GLN A 161 -10.39 22.83 -4.14
N ASP A 162 -11.08 23.25 -5.20
CA ASP A 162 -12.29 24.07 -5.06
C ASP A 162 -13.49 23.23 -4.67
N ARG A 163 -13.47 21.95 -5.04
CA ARG A 163 -14.59 21.06 -4.78
C ARG A 163 -14.20 19.82 -3.98
N PRO A 164 -14.25 19.92 -2.64
CA PRO A 164 -14.04 18.76 -1.77
C PRO A 164 -15.31 17.94 -1.59
N CYS A 165 -15.25 16.92 -0.73
CA CYS A 165 -16.43 16.13 -0.39
C CYS A 165 -16.60 16.07 1.11
N VAL A 166 -17.84 16.20 1.56
CA VAL A 166 -18.14 16.18 3.00
C VAL A 166 -17.74 14.84 3.60
N ARG A 167 -16.62 14.81 4.30
CA ARG A 167 -16.12 13.59 4.88
C ARG A 167 -16.75 13.31 6.24
N ASP A 168 -16.90 12.02 6.55
CA ASP A 168 -17.57 11.58 7.76
C ASP A 168 -16.91 10.30 8.28
N GLY A 169 -16.17 10.42 9.38
CA GLY A 169 -15.48 9.28 9.94
C GLY A 169 -14.66 9.57 11.19
N GLU A 170 -13.89 8.58 11.61
CA GLU A 170 -13.07 8.68 12.82
C GLU A 170 -11.63 8.25 12.53
N ASP A 171 -10.69 9.18 12.63
CA ASP A 171 -9.29 8.86 12.36
C ASP A 171 -8.44 8.80 13.63
N PHE A 172 -9.11 8.82 14.78
CA PHE A 172 -8.47 8.69 16.09
C PHE A 172 -7.35 9.70 16.34
N GLY A 173 -7.55 10.92 15.86
CA GLY A 173 -6.60 11.99 16.11
C GLY A 173 -5.54 12.15 15.04
N ALA A 174 -5.82 11.62 13.85
CA ALA A 174 -4.90 11.77 12.73
C ALA A 174 -5.00 13.17 12.14
N SER A 175 -3.98 13.56 11.38
CA SER A 175 -3.94 14.89 10.78
C SER A 175 -4.14 14.81 9.27
N ILE A 176 -5.28 14.25 8.86
CA ILE A 176 -5.59 14.13 7.44
C ILE A 176 -6.18 15.42 6.90
N PRO A 177 -5.51 16.02 5.91
CA PRO A 177 -5.96 17.28 5.31
C PRO A 177 -7.09 17.07 4.31
N ASP A 178 -7.79 18.15 3.97
CA ASP A 178 -8.83 18.07 2.95
C ASP A 178 -8.19 17.97 1.57
N PHE A 179 -6.98 18.51 1.46
CA PHE A 179 -6.26 18.53 0.20
C PHE A 179 -4.76 18.41 0.45
N VAL A 180 -4.12 17.51 -0.26
CA VAL A 180 -2.69 17.28 -0.07
C VAL A 180 -1.83 18.18 -0.95
N THR A 181 -1.23 19.19 -0.33
CA THR A 181 -0.31 20.08 -1.03
C THR A 181 1.12 19.57 -0.89
N PRO A 182 1.99 19.89 -1.84
CA PRO A 182 3.40 19.46 -1.76
C PRO A 182 4.08 19.94 -0.47
N GLU A 183 3.65 21.08 0.05
CA GLU A 183 4.18 21.58 1.31
C GLU A 183 3.76 20.68 2.47
N PHE A 184 2.53 20.16 2.40
CA PHE A 184 2.03 19.27 3.45
C PHE A 184 2.83 17.97 3.48
N VAL A 185 3.15 17.45 2.29
CA VAL A 185 3.93 16.22 2.17
C VAL A 185 5.29 16.37 2.85
N ARG A 186 5.94 17.49 2.57
CA ARG A 186 7.24 17.80 3.14
C ARG A 186 7.21 17.77 4.67
N GLN A 187 6.18 18.38 5.24
CA GLN A 187 6.04 18.48 6.69
C GLN A 187 5.89 17.12 7.35
N GLU A 188 5.11 16.23 6.73
CA GLU A 188 4.92 14.89 7.25
C GLU A 188 6.21 14.08 7.21
N ILE A 189 6.97 14.27 6.14
CA ILE A 189 8.28 13.65 6.02
C ILE A 189 9.24 14.26 7.02
N ALA A 190 9.11 15.57 7.24
CA ALA A 190 10.00 16.32 8.12
C ALA A 190 9.95 15.81 9.57
N ARG A 191 8.78 15.36 9.99
CA ARG A 191 8.60 14.87 11.35
C ARG A 191 8.60 13.34 11.39
N GLY A 192 8.98 12.74 10.27
CA GLY A 192 9.10 11.29 10.19
C GLY A 192 7.78 10.53 10.24
N ARG A 193 6.68 11.22 9.95
CA ARG A 193 5.37 10.60 10.01
C ARG A 193 5.00 9.98 8.66
N ALA A 194 5.74 10.35 7.63
CA ALA A 194 5.54 9.80 6.30
C ALA A 194 6.87 9.63 5.57
N ILE A 195 6.93 8.65 4.68
CA ILE A 195 8.15 8.43 3.89
C ILE A 195 7.84 8.27 2.41
N ILE A 196 8.86 8.52 1.59
CA ILE A 196 8.78 8.22 0.16
C ILE A 196 9.95 7.35 -0.23
N PRO A 197 9.75 6.02 -0.21
CA PRO A 197 10.79 5.07 -0.59
C PRO A 197 11.24 5.29 -2.04
N ALA A 198 12.32 6.04 -2.21
CA ALA A 198 12.80 6.39 -3.55
C ALA A 198 14.32 6.37 -3.68
N ASN A 199 14.88 5.19 -3.91
CA ASN A 199 16.30 5.05 -4.16
C ASN A 199 16.68 5.84 -5.41
N ILE A 200 17.85 6.48 -5.37
CA ILE A 200 18.31 7.28 -6.49
C ILE A 200 18.58 6.42 -7.73
N ASN A 201 18.78 5.13 -7.50
CA ASN A 201 19.08 4.19 -8.58
C ASN A 201 17.84 3.44 -9.05
N HIS A 202 16.66 3.94 -8.71
CA HIS A 202 15.42 3.37 -9.20
C HIS A 202 14.66 4.40 -10.03
N GLY A 203 15.18 4.66 -11.23
CA GLY A 203 14.62 5.69 -12.09
C GLY A 203 13.28 5.32 -12.70
N GLU A 204 12.96 4.03 -12.67
CA GLU A 204 11.72 3.54 -13.25
C GLU A 204 10.53 3.73 -12.31
N LEU A 205 10.80 4.33 -11.16
CA LEU A 205 9.82 4.41 -10.07
C LEU A 205 8.82 5.56 -10.23
N GLU A 206 7.54 5.25 -10.04
CA GLU A 206 6.49 6.25 -9.95
C GLU A 206 6.16 6.49 -8.48
N PRO A 207 6.73 7.55 -7.89
CA PRO A 207 6.73 7.85 -6.45
C PRO A 207 5.37 7.71 -5.77
N MET A 208 5.40 7.23 -4.53
CA MET A 208 4.21 7.09 -3.70
C MET A 208 4.53 7.39 -2.24
N ALA A 209 3.53 7.83 -1.49
CA ALA A 209 3.73 8.18 -0.09
C ALA A 209 3.23 7.09 0.85
N ILE A 210 3.85 6.99 2.02
CA ILE A 210 3.44 6.03 3.03
C ILE A 210 3.29 6.73 4.38
N GLY A 211 2.06 6.88 4.83
CA GLY A 211 1.79 7.55 6.08
C GLY A 211 0.36 7.37 6.57
N ARG A 212 0.13 7.71 7.83
CA ARG A 212 -1.20 7.60 8.41
C ARG A 212 -2.14 8.66 7.84
N ASN A 213 -1.56 9.79 7.44
CA ASN A 213 -2.36 10.91 6.94
C ASN A 213 -2.57 10.86 5.43
N PHE A 214 -2.28 9.72 4.84
CA PHE A 214 -2.50 9.51 3.42
C PHE A 214 -3.36 8.27 3.18
N LEU A 215 -3.53 7.90 1.93
CA LEU A 215 -4.26 6.68 1.59
C LEU A 215 -3.52 5.46 2.10
N VAL A 216 -4.26 4.45 2.57
CA VAL A 216 -3.64 3.23 3.07
C VAL A 216 -3.11 2.39 1.92
N LYS A 217 -1.82 2.05 2.00
CA LYS A 217 -1.15 1.31 0.93
C LYS A 217 -1.03 -0.17 1.29
N ILE A 218 -0.83 -1.00 0.26
CA ILE A 218 -0.64 -2.43 0.47
C ILE A 218 0.61 -2.93 -0.22
N ASN A 219 1.08 -4.09 0.21
CA ASN A 219 2.27 -4.71 -0.37
C ASN A 219 2.01 -6.13 -0.83
N ALA A 220 2.60 -6.50 -1.96
CA ALA A 220 2.51 -7.85 -2.48
C ALA A 220 3.90 -8.48 -2.55
N ASN A 221 4.02 -9.71 -2.07
CA ASN A 221 5.31 -10.38 -2.00
C ASN A 221 5.57 -11.31 -3.19
N ILE A 222 6.73 -11.14 -3.81
CA ILE A 222 7.16 -12.04 -4.88
C ILE A 222 8.54 -12.60 -4.55
N GLY A 223 9.06 -13.45 -5.43
CA GLY A 223 10.37 -14.06 -5.23
C GLY A 223 10.52 -15.38 -5.96
N ASN A 224 11.75 -15.83 -6.09
CA ASN A 224 12.05 -17.08 -6.79
C ASN A 224 12.10 -18.27 -5.83
N SER A 229 12.89 -21.41 -12.74
CA SER A 229 11.95 -20.96 -13.78
C SER A 229 12.47 -19.72 -14.50
N THR A 230 11.83 -19.37 -15.60
CA THR A 230 12.23 -18.21 -16.41
C THR A 230 12.05 -16.91 -15.63
N VAL A 231 12.96 -15.96 -15.85
CA VAL A 231 12.89 -14.67 -15.18
C VAL A 231 11.65 -13.90 -15.60
N ALA A 232 11.13 -14.22 -16.78
CA ALA A 232 9.92 -13.58 -17.29
C ALA A 232 8.71 -13.96 -16.44
N ASP A 233 8.79 -15.14 -15.82
CA ASP A 233 7.72 -15.60 -14.95
C ASP A 233 7.74 -14.84 -13.63
N GLU A 234 8.92 -14.39 -13.24
CA GLU A 234 9.09 -13.61 -12.01
C GLU A 234 8.67 -12.16 -12.23
N VAL A 235 8.95 -11.64 -13.42
CA VAL A 235 8.53 -10.29 -13.78
C VAL A 235 7.01 -10.23 -13.90
N ASP A 236 6.42 -11.33 -14.34
CA ASP A 236 4.96 -11.41 -14.48
C ASP A 236 4.29 -11.39 -13.10
N LYS A 237 4.97 -11.92 -12.09
CA LYS A 237 4.49 -11.85 -10.72
C LYS A 237 4.38 -10.39 -10.28
N LEU A 238 5.35 -9.60 -10.69
CA LEU A 238 5.40 -8.17 -10.37
C LEU A 238 4.30 -7.41 -11.08
N VAL A 239 4.15 -7.66 -12.37
CA VAL A 239 3.13 -7.01 -13.17
C VAL A 239 1.71 -7.37 -12.70
N TRP A 240 1.50 -8.64 -12.42
CA TRP A 240 0.19 -9.14 -11.97
C TRP A 240 -0.24 -8.49 -10.66
N ALA A 241 0.69 -8.40 -9.72
CA ALA A 241 0.39 -7.82 -8.41
C ALA A 241 0.04 -6.34 -8.49
N THR A 242 0.91 -5.57 -9.14
CA THR A 242 0.73 -4.12 -9.23
C THR A 242 -0.46 -3.73 -10.10
N ARG A 243 -0.83 -4.61 -11.03
CA ARG A 243 -1.96 -4.35 -11.91
C ARG A 243 -3.25 -4.24 -11.11
N TRP A 244 -3.36 -5.03 -10.05
CA TRP A 244 -4.60 -5.12 -9.29
C TRP A 244 -4.60 -4.28 -8.01
N GLY A 245 -3.55 -3.50 -7.80
CA GLY A 245 -3.57 -2.52 -6.73
C GLY A 245 -2.40 -2.50 -5.74
N ALA A 246 -1.47 -3.44 -5.89
CA ALA A 246 -0.32 -3.50 -5.00
C ALA A 246 0.52 -2.22 -5.13
N ASP A 247 0.71 -1.54 -4.00
CA ASP A 247 1.44 -0.27 -4.00
C ASP A 247 2.94 -0.48 -4.00
N THR A 248 3.42 -1.37 -3.13
CA THR A 248 4.84 -1.75 -3.15
C THR A 248 4.94 -3.26 -3.31
N VAL A 249 6.09 -3.71 -3.79
CA VAL A 249 6.33 -5.14 -3.96
C VAL A 249 7.69 -5.52 -3.39
N MET A 250 7.72 -6.60 -2.61
CA MET A 250 8.97 -7.08 -2.05
C MET A 250 9.46 -8.35 -2.76
N ASP A 251 10.74 -8.37 -3.10
CA ASP A 251 11.36 -9.54 -3.70
C ASP A 251 11.97 -10.43 -2.63
N LEU A 252 11.16 -11.33 -2.09
CA LEU A 252 11.59 -12.23 -1.03
C LEU A 252 12.25 -13.48 -1.59
N SER A 253 12.92 -13.33 -2.73
CA SER A 253 13.57 -14.47 -3.38
C SER A 253 14.70 -15.02 -2.51
N THR A 254 14.82 -16.33 -2.48
CA THR A 254 15.88 -17.00 -1.73
C THR A 254 16.56 -18.05 -2.60
N GLY A 255 17.66 -18.59 -2.09
CA GLY A 255 18.40 -19.62 -2.81
C GLY A 255 19.41 -19.03 -3.78
N ARG A 256 19.35 -19.47 -5.02
CA ARG A 256 20.30 -19.04 -6.05
C ARG A 256 19.65 -18.04 -7.01
N ASN A 257 20.49 -17.38 -7.80
CA ASN A 257 20.07 -16.37 -8.77
C ASN A 257 19.32 -15.21 -8.14
N ILE A 258 19.53 -14.98 -6.84
CA ILE A 258 18.86 -13.89 -6.13
C ILE A 258 19.18 -12.52 -6.76
N HIS A 259 20.43 -12.34 -7.15
CA HIS A 259 20.86 -11.08 -7.74
C HIS A 259 20.26 -10.85 -9.13
N ASN A 260 20.51 -11.77 -10.04
CA ASN A 260 20.09 -11.61 -11.43
C ASN A 260 18.57 -11.56 -11.60
N ILE A 261 17.85 -12.34 -10.81
CA ILE A 261 16.39 -12.32 -10.83
C ILE A 261 15.88 -10.92 -10.47
N ARG A 262 16.46 -10.36 -9.40
CA ARG A 262 16.03 -9.07 -8.89
C ARG A 262 16.37 -7.93 -9.83
N ASP A 263 17.34 -8.16 -10.71
CA ASP A 263 17.70 -7.19 -11.73
C ASP A 263 16.55 -6.94 -12.69
N TRP A 264 15.97 -8.02 -13.20
CA TRP A 264 14.82 -7.94 -14.10
C TRP A 264 13.62 -7.31 -13.41
N ILE A 265 13.50 -7.56 -12.11
CA ILE A 265 12.36 -7.06 -11.33
C ILE A 265 12.39 -5.55 -11.20
N ILE A 266 13.49 -5.02 -10.66
CA ILE A 266 13.60 -3.59 -10.37
C ILE A 266 13.56 -2.74 -11.63
N ARG A 267 14.18 -3.23 -12.70
CA ARG A 267 14.20 -2.50 -13.97
C ARG A 267 12.81 -2.42 -14.58
N ASN A 268 11.98 -3.41 -14.26
CA ASN A 268 10.62 -3.46 -14.79
C ASN A 268 9.57 -3.15 -13.73
N SER A 269 9.98 -2.43 -12.69
CA SER A 269 9.09 -2.08 -11.60
C SER A 269 8.89 -0.57 -11.51
N SER A 270 7.63 -0.13 -11.58
CA SER A 270 7.32 1.28 -11.38
C SER A 270 6.99 1.53 -9.91
N VAL A 271 6.79 0.45 -9.17
CA VAL A 271 6.48 0.55 -7.75
C VAL A 271 7.76 0.34 -6.92
N PRO A 272 7.78 0.85 -5.67
CA PRO A 272 8.93 0.63 -4.81
C PRO A 272 9.22 -0.85 -4.58
N ILE A 273 10.48 -1.23 -4.65
CA ILE A 273 10.89 -2.61 -4.42
C ILE A 273 11.45 -2.79 -3.01
N GLY A 274 10.94 -3.79 -2.29
CA GLY A 274 11.44 -4.08 -0.95
C GLY A 274 12.21 -5.39 -0.92
N THR A 275 13.21 -5.47 -0.04
CA THR A 275 13.97 -6.69 0.14
C THR A 275 14.29 -6.93 1.61
N VAL A 276 14.73 -8.15 1.90
CA VAL A 276 15.28 -8.46 3.22
C VAL A 276 16.74 -8.91 3.00
N PRO A 277 17.68 -7.96 3.17
CA PRO A 277 19.11 -8.15 2.87
C PRO A 277 19.73 -9.37 3.55
N ILE A 278 19.16 -9.81 4.67
CA ILE A 278 19.70 -10.96 5.38
C ILE A 278 19.41 -12.26 4.64
N TYR A 279 18.44 -12.22 3.72
CA TYR A 279 18.13 -13.40 2.92
C TYR A 279 19.28 -13.75 2.00
N GLN A 280 19.68 -12.78 1.16
CA GLN A 280 20.75 -12.98 0.21
C GLN A 280 22.09 -13.15 0.93
N ALA A 281 22.26 -12.43 2.04
CA ALA A 281 23.48 -12.51 2.83
C ALA A 281 23.69 -13.91 3.38
N LEU A 282 22.59 -14.57 3.74
CA LEU A 282 22.66 -15.91 4.29
C LEU A 282 23.02 -16.94 3.21
N GLU A 283 22.64 -16.65 1.97
CA GLU A 283 22.92 -17.57 0.87
C GLU A 283 24.37 -17.48 0.41
N LYS A 284 24.97 -16.29 0.55
CA LYS A 284 26.36 -16.09 0.21
C LYS A 284 27.27 -16.92 1.14
N VAL A 285 26.76 -17.18 2.34
CA VAL A 285 27.51 -17.98 3.31
C VAL A 285 26.90 -19.37 3.47
N ASN A 286 26.22 -19.83 2.43
CA ASN A 286 25.72 -21.21 2.33
C ASN A 286 24.74 -21.60 3.43
N GLY A 287 23.89 -20.67 3.83
CA GLY A 287 22.81 -20.96 4.76
C GLY A 287 23.25 -21.16 6.19
N VAL A 288 24.55 -21.00 6.44
CA VAL A 288 25.08 -21.10 7.80
C VAL A 288 24.94 -19.73 8.48
N ALA A 289 23.97 -19.62 9.38
CA ALA A 289 23.63 -18.35 10.00
C ALA A 289 24.78 -17.73 10.77
N GLU A 290 25.65 -18.58 11.33
CA GLU A 290 26.74 -18.09 12.15
C GLU A 290 27.91 -17.54 11.31
N ASP A 291 27.89 -17.87 10.02
CA ASP A 291 28.93 -17.37 9.10
C ASP A 291 28.65 -15.93 8.67
N LEU A 292 27.53 -15.38 9.13
CA LEU A 292 27.16 -14.01 8.81
C LEU A 292 27.96 -13.01 9.64
N ASN A 293 28.44 -11.96 9.00
CA ASN A 293 29.15 -10.88 9.69
C ASN A 293 28.90 -9.54 9.01
N TRP A 294 29.51 -8.49 9.53
CA TRP A 294 29.33 -7.15 8.97
C TRP A 294 29.92 -7.04 7.56
N GLU A 295 30.97 -7.79 7.29
CA GLU A 295 31.67 -7.74 6.02
C GLU A 295 30.76 -8.16 4.86
N VAL A 296 30.16 -9.33 4.98
CA VAL A 296 29.27 -9.85 3.94
C VAL A 296 28.00 -9.00 3.84
N PHE A 297 27.50 -8.53 4.98
CA PHE A 297 26.26 -7.78 5.01
C PHE A 297 26.39 -6.40 4.38
N ARG A 298 27.52 -5.72 4.65
CA ARG A 298 27.78 -4.42 4.06
C ARG A 298 27.83 -4.54 2.54
N ASP A 299 28.45 -5.63 2.08
CA ASP A 299 28.56 -5.90 0.64
C ASP A 299 27.19 -6.12 0.03
N THR A 300 26.33 -6.84 0.73
CA THR A 300 24.98 -7.09 0.27
C THR A 300 24.17 -5.79 0.20
N LEU A 301 24.35 -4.93 1.20
CA LEU A 301 23.66 -3.64 1.25
C LEU A 301 24.01 -2.78 0.03
N ILE A 302 25.30 -2.60 -0.22
CA ILE A 302 25.77 -1.81 -1.34
C ILE A 302 25.36 -2.44 -2.67
N GLU A 303 25.35 -3.77 -2.72
CA GLU A 303 24.90 -4.49 -3.91
C GLU A 303 23.47 -4.13 -4.28
N GLN A 304 22.58 -4.14 -3.30
CA GLN A 304 21.17 -3.89 -3.52
C GLN A 304 20.87 -2.40 -3.65
N CYS A 305 21.73 -1.57 -3.07
CA CYS A 305 21.57 -0.13 -3.15
C CYS A 305 21.85 0.38 -4.57
N GLU A 306 22.85 -0.21 -5.20
CA GLU A 306 23.22 0.19 -6.57
C GLU A 306 22.26 -0.39 -7.60
N GLN A 307 21.43 -1.34 -7.16
CA GLN A 307 20.39 -1.89 -8.03
C GLN A 307 19.12 -1.05 -7.96
N GLY A 308 18.88 -0.44 -6.81
CA GLY A 308 17.78 0.48 -6.66
C GLY A 308 16.67 0.02 -5.73
N VAL A 309 17.00 -0.87 -4.80
CA VAL A 309 16.02 -1.31 -3.81
C VAL A 309 15.64 -0.13 -2.93
N ASP A 310 14.34 0.14 -2.83
CA ASP A 310 13.85 1.36 -2.19
C ASP A 310 13.84 1.29 -0.67
N TYR A 311 13.65 0.09 -0.12
CA TYR A 311 13.68 -0.07 1.33
C TYR A 311 14.09 -1.47 1.78
N PHE A 312 14.91 -1.53 2.82
CA PHE A 312 15.39 -2.78 3.38
C PHE A 312 14.65 -3.14 4.65
N THR A 313 14.22 -4.39 4.77
CA THR A 313 13.70 -4.89 6.03
C THR A 313 14.87 -5.42 6.85
N ILE A 314 15.30 -4.65 7.84
CA ILE A 314 16.45 -5.02 8.66
C ILE A 314 16.02 -5.32 10.10
N HIS A 315 16.24 -6.56 10.54
CA HIS A 315 15.83 -6.98 11.88
C HIS A 315 16.90 -6.63 12.91
N ALA A 316 17.13 -5.34 13.10
CA ALA A 316 18.10 -4.84 14.07
C ALA A 316 17.48 -4.75 15.46
N GLY A 317 16.26 -5.24 15.61
CA GLY A 317 15.56 -5.18 16.87
C GLY A 317 15.71 -6.46 17.68
N VAL A 318 16.12 -7.53 17.01
CA VAL A 318 16.29 -8.82 17.68
C VAL A 318 17.56 -8.83 18.52
N ARG A 319 17.46 -8.30 19.73
CA ARG A 319 18.61 -8.27 20.63
C ARG A 319 18.77 -9.60 21.37
N LEU A 320 19.99 -9.89 21.78
CA LEU A 320 20.32 -11.17 22.43
C LEU A 320 19.47 -11.50 23.67
N PRO A 321 19.32 -10.55 24.61
CA PRO A 321 18.54 -10.95 25.79
C PRO A 321 17.04 -11.02 25.56
N PHE A 322 16.59 -10.79 24.32
CA PHE A 322 15.17 -10.90 24.00
C PHE A 322 14.79 -12.34 23.64
N ILE A 323 15.78 -13.13 23.26
CA ILE A 323 15.56 -14.52 22.86
C ILE A 323 14.94 -15.40 23.95
N PRO A 324 15.42 -15.30 25.22
CA PRO A 324 14.78 -16.17 26.21
C PRO A 324 13.33 -15.79 26.52
N MET A 325 12.92 -14.58 26.13
CA MET A 325 11.54 -14.14 26.34
C MET A 325 10.57 -14.89 25.43
N THR A 326 11.11 -15.55 24.41
CA THR A 326 10.30 -16.31 23.47
C THR A 326 10.21 -17.79 23.83
N ALA A 327 10.76 -18.15 24.98
CA ALA A 327 10.80 -19.54 25.40
C ALA A 327 9.43 -20.06 25.80
N LYS A 328 8.55 -19.15 26.22
CA LYS A 328 7.24 -19.52 26.71
C LYS A 328 6.18 -19.46 25.61
N ARG A 329 6.59 -19.04 24.42
CA ARG A 329 5.67 -18.89 23.29
C ARG A 329 5.11 -20.23 22.81
N VAL A 330 3.95 -20.17 22.17
CA VAL A 330 3.30 -21.35 21.61
C VAL A 330 3.90 -21.72 20.26
N THR A 331 4.13 -20.71 19.43
CA THR A 331 4.67 -20.93 18.09
C THR A 331 6.09 -20.38 17.94
N GLY A 332 6.61 -19.80 19.01
CA GLY A 332 7.97 -19.28 19.03
C GLY A 332 8.24 -18.20 17.99
N ILE A 333 9.49 -18.12 17.55
CA ILE A 333 9.89 -17.17 16.52
C ILE A 333 9.48 -17.67 15.14
N VAL A 334 8.57 -16.94 14.50
CA VAL A 334 8.04 -17.36 13.21
C VAL A 334 8.60 -16.53 12.06
N SER A 335 9.25 -15.43 12.39
CA SER A 335 9.91 -14.60 11.38
C SER A 335 11.16 -15.31 10.86
N ARG A 336 11.24 -15.47 9.54
CA ARG A 336 12.38 -16.14 8.93
C ARG A 336 13.67 -15.36 9.18
N GLY A 337 13.69 -14.10 8.78
CA GLY A 337 14.86 -13.26 8.97
C GLY A 337 15.16 -13.00 10.43
N GLY A 338 14.11 -13.00 11.26
CA GLY A 338 14.27 -12.78 12.68
C GLY A 338 14.83 -14.00 13.40
N SER A 339 14.49 -15.18 12.90
CA SER A 339 15.00 -16.41 13.48
C SER A 339 16.45 -16.63 13.08
N ILE A 340 16.81 -16.13 11.90
CA ILE A 340 18.20 -16.18 11.43
C ILE A 340 19.12 -15.42 12.38
N MET A 341 18.71 -14.22 12.76
CA MET A 341 19.48 -13.40 13.68
C MET A 341 19.50 -14.01 15.07
N ALA A 342 18.43 -14.71 15.42
CA ALA A 342 18.33 -15.38 16.71
C ALA A 342 19.35 -16.51 16.79
N LYS A 343 19.40 -17.32 15.73
CA LYS A 343 20.34 -18.43 15.66
C LYS A 343 21.79 -17.93 15.67
N TRP A 344 22.00 -16.77 15.06
CA TRP A 344 23.33 -16.14 15.04
C TRP A 344 23.74 -15.70 16.43
N CYS A 345 22.80 -15.08 17.14
CA CYS A 345 23.08 -14.57 18.48
C CYS A 345 23.30 -15.70 19.50
N LEU A 346 22.87 -16.90 19.16
CA LEU A 346 23.05 -18.03 20.05
C LEU A 346 24.39 -18.72 19.79
N ALA A 347 24.92 -18.52 18.60
CA ALA A 347 26.17 -19.17 18.19
C ALA A 347 27.40 -18.41 18.69
N HIS A 348 27.29 -17.09 18.75
CA HIS A 348 28.40 -16.25 19.18
C HIS A 348 28.17 -15.66 20.57
N HIS A 349 26.90 -15.51 20.93
CA HIS A 349 26.49 -14.78 22.12
C HIS A 349 27.10 -13.38 22.12
N LYS A 350 27.08 -12.77 20.96
CA LYS A 350 27.40 -11.35 20.82
C LYS A 350 26.12 -10.65 20.38
N GLU A 351 25.97 -9.38 20.74
CA GLU A 351 24.77 -8.63 20.41
C GLU A 351 24.53 -8.60 18.90
N ASN A 352 23.26 -8.50 18.51
CA ASN A 352 22.85 -8.37 17.11
C ASN A 352 23.72 -7.35 16.38
N PHE A 353 24.46 -7.81 15.37
CA PHE A 353 25.42 -6.93 14.70
C PHE A 353 24.72 -5.94 13.78
N LEU A 354 23.43 -6.14 13.53
CA LEU A 354 22.64 -5.16 12.81
C LEU A 354 22.28 -4.02 13.76
N TYR A 355 22.34 -4.32 15.05
CA TYR A 355 22.07 -3.35 16.10
C TYR A 355 23.35 -2.61 16.49
N GLU A 356 24.45 -3.36 16.60
CA GLU A 356 25.73 -2.80 17.00
C GLU A 356 26.40 -1.99 15.89
N ARG A 357 26.05 -2.29 14.64
CA ARG A 357 26.60 -1.57 13.50
C ARG A 357 25.51 -0.74 12.82
N PHE A 358 24.44 -0.46 13.55
CA PHE A 358 23.28 0.24 13.01
C PHE A 358 23.65 1.63 12.47
N ASP A 359 24.62 2.27 13.11
CA ASP A 359 25.10 3.58 12.68
C ASP A 359 25.72 3.53 11.30
N GLU A 360 26.44 2.44 11.04
CA GLU A 360 27.15 2.29 9.77
C GLU A 360 26.19 1.89 8.65
N ILE A 361 25.12 1.20 9.02
CA ILE A 361 24.09 0.84 8.06
C ILE A 361 23.40 2.09 7.55
N CYS A 362 23.09 3.00 8.48
CA CYS A 362 22.45 4.26 8.15
C CYS A 362 23.29 5.12 7.20
N GLU A 363 24.61 5.05 7.37
CA GLU A 363 25.52 5.81 6.53
C GLU A 363 25.53 5.32 5.08
N ILE A 364 25.23 4.04 4.89
CA ILE A 364 25.17 3.45 3.56
C ILE A 364 23.85 3.75 2.87
N MET A 365 22.74 3.53 3.59
CA MET A 365 21.41 3.72 3.03
C MET A 365 21.11 5.19 2.76
N ARG A 366 21.77 6.08 3.49
CA ARG A 366 21.57 7.51 3.29
C ARG A 366 22.15 7.96 1.95
N ALA A 367 23.23 7.31 1.54
CA ALA A 367 23.95 7.71 0.33
C ALA A 367 23.15 7.40 -0.94
N TYR A 368 22.19 6.49 -0.83
CA TYR A 368 21.39 6.10 -1.97
C TYR A 368 19.90 6.41 -1.75
N ASP A 369 19.60 7.01 -0.59
CA ASP A 369 18.23 7.24 -0.14
C ASP A 369 17.44 5.94 -0.14
N VAL A 370 17.87 4.99 0.69
CA VAL A 370 17.09 3.78 0.93
C VAL A 370 16.36 3.94 2.25
N SER A 371 15.04 3.72 2.22
CA SER A 371 14.22 3.89 3.41
C SER A 371 14.38 2.70 4.36
N PHE A 372 14.24 2.98 5.66
CA PHE A 372 14.33 1.92 6.66
C PHE A 372 12.98 1.26 6.88
N SER A 373 12.99 -0.07 6.96
CA SER A 373 11.80 -0.82 7.34
C SER A 373 12.17 -1.76 8.48
N LEU A 374 12.10 -1.26 9.70
CA LEU A 374 12.55 -2.01 10.87
C LEU A 374 11.72 -3.27 11.08
N GLY A 375 12.40 -4.41 11.01
CA GLY A 375 11.75 -5.70 10.98
C GLY A 375 11.04 -6.13 12.24
N ASP A 376 10.04 -6.99 12.07
CA ASP A 376 9.30 -7.57 13.18
C ASP A 376 9.81 -8.98 13.47
N GLY A 377 11.08 -9.08 13.85
CA GLY A 377 11.72 -10.37 14.09
C GLY A 377 11.03 -11.22 15.13
N LEU A 378 10.49 -10.57 16.15
CA LEU A 378 9.82 -11.28 17.24
C LEU A 378 8.31 -11.08 17.19
N ARG A 379 7.74 -11.07 15.99
CA ARG A 379 6.30 -10.92 15.82
C ARG A 379 5.58 -12.21 16.19
N PRO A 380 4.32 -12.11 16.64
CA PRO A 380 3.56 -13.29 17.03
C PRO A 380 3.12 -14.15 15.84
N GLY A 381 3.28 -15.46 15.97
CA GLY A 381 2.86 -16.39 14.94
C GLY A 381 1.54 -17.05 15.30
N SER A 382 1.07 -16.75 16.51
CA SER A 382 -0.24 -17.21 16.96
C SER A 382 -0.90 -16.13 17.81
N THR A 383 -2.21 -16.22 17.99
CA THR A 383 -2.95 -15.22 18.76
C THR A 383 -2.56 -15.27 20.23
N ALA A 384 -2.09 -16.44 20.67
CA ALA A 384 -1.66 -16.63 22.05
C ALA A 384 -0.38 -15.84 22.35
N ASP A 385 0.54 -15.82 21.39
CA ASP A 385 1.83 -15.16 21.57
C ASP A 385 1.75 -13.66 21.30
N ALA A 386 0.55 -13.16 21.02
CA ALA A 386 0.35 -11.76 20.68
C ALA A 386 0.56 -10.83 21.88
N ASN A 387 1.26 -9.73 21.63
CA ASN A 387 1.52 -8.68 22.63
C ASN A 387 2.28 -9.17 23.86
N ASP A 388 3.06 -10.23 23.70
CA ASP A 388 3.90 -10.72 24.79
C ASP A 388 5.13 -9.82 24.94
N GLU A 389 5.88 -10.00 26.01
CA GLU A 389 7.01 -9.12 26.32
C GLU A 389 8.06 -9.12 25.21
N ALA A 390 8.26 -10.28 24.59
CA ALA A 390 9.23 -10.42 23.52
C ALA A 390 8.92 -9.50 22.35
N GLN A 391 7.64 -9.42 21.99
CA GLN A 391 7.20 -8.58 20.89
C GLN A 391 7.40 -7.10 21.19
N PHE A 392 6.92 -6.66 22.35
CA PHE A 392 6.96 -5.26 22.72
C PHE A 392 8.38 -4.77 23.04
N SER A 393 9.21 -5.66 23.56
CA SER A 393 10.61 -5.32 23.81
C SER A 393 11.31 -4.92 22.52
N GLU A 394 11.06 -5.70 21.46
CA GLU A 394 11.60 -5.40 20.15
C GLU A 394 11.02 -4.10 19.60
N LEU A 395 9.72 -3.92 19.80
CA LEU A 395 9.00 -2.75 19.30
C LEU A 395 9.57 -1.46 19.89
N ARG A 396 9.80 -1.44 21.19
CA ARG A 396 10.36 -0.27 21.86
C ARG A 396 11.81 -0.06 21.45
N THR A 397 12.48 -1.14 21.08
CA THR A 397 13.85 -1.07 20.59
C THR A 397 13.90 -0.38 19.22
N LEU A 398 12.94 -0.73 18.37
CA LEU A 398 12.85 -0.14 17.03
C LEU A 398 12.62 1.37 17.12
N GLY A 399 11.91 1.80 18.17
CA GLY A 399 11.64 3.20 18.38
C GLY A 399 12.90 3.98 18.70
N GLU A 400 13.81 3.36 19.44
CA GLU A 400 15.10 3.97 19.75
C GLU A 400 15.96 4.02 18.50
N LEU A 401 15.92 2.94 17.72
CA LEU A 401 16.65 2.86 16.45
C LEU A 401 16.10 3.86 15.44
N THR A 402 14.79 4.10 15.52
CA THR A 402 14.14 5.06 14.64
C THR A 402 14.74 6.45 14.82
N LYS A 403 14.98 6.83 16.08
CA LYS A 403 15.60 8.11 16.39
C LYS A 403 17.03 8.16 15.86
N VAL A 404 17.74 7.04 15.97
CA VAL A 404 19.11 6.96 15.49
C VAL A 404 19.14 7.10 13.97
N ALA A 405 18.21 6.42 13.30
CA ALA A 405 18.12 6.48 11.85
C ALA A 405 17.66 7.87 11.38
N TRP A 406 16.73 8.46 12.11
CA TRP A 406 16.25 9.81 11.82
C TRP A 406 17.38 10.83 11.86
N LYS A 407 18.28 10.67 12.83
CA LYS A 407 19.36 11.63 13.03
C LYS A 407 20.48 11.43 12.01
N HIS A 408 20.40 10.37 11.23
CA HIS A 408 21.32 10.14 10.12
C HIS A 408 20.71 10.62 8.81
N GLY A 409 19.43 10.97 8.85
CA GLY A 409 18.74 11.47 7.68
C GLY A 409 18.09 10.36 6.86
N VAL A 410 17.89 9.21 7.47
CA VAL A 410 17.30 8.07 6.77
C VAL A 410 15.81 7.93 7.09
N GLN A 411 15.00 7.78 6.06
CA GLN A 411 13.56 7.60 6.22
C GLN A 411 13.25 6.27 6.89
N VAL A 412 12.28 6.27 7.81
CA VAL A 412 11.98 5.09 8.62
C VAL A 412 10.49 4.74 8.63
N MET A 413 10.21 3.43 8.59
CA MET A 413 8.88 2.93 8.91
C MET A 413 9.01 1.64 9.72
N ILE A 414 8.05 1.38 10.60
CA ILE A 414 8.12 0.27 11.53
C ILE A 414 7.26 -0.91 11.07
N GLU A 415 7.71 -2.14 11.34
CA GLU A 415 6.94 -3.31 10.99
C GLU A 415 6.30 -3.96 12.22
N GLY A 416 5.09 -4.50 12.05
CA GLY A 416 4.36 -5.10 13.15
C GLY A 416 3.72 -6.44 12.82
N PRO A 417 2.92 -6.96 13.75
CA PRO A 417 2.23 -8.26 13.67
C PRO A 417 1.29 -8.35 12.46
N GLY A 418 0.87 -9.55 12.06
CA GLY A 418 1.21 -10.80 12.72
C GLY A 418 -0.05 -11.60 13.01
N HIS A 419 -0.09 -12.28 14.14
CA HIS A 419 -1.30 -12.99 14.56
C HIS A 419 -1.85 -12.38 15.84
N VAL A 420 -2.86 -11.53 15.71
CA VAL A 420 -3.42 -10.81 16.85
C VAL A 420 -4.94 -10.84 16.86
N ALA A 421 -5.51 -11.23 18.00
CA ALA A 421 -6.97 -11.17 18.18
C ALA A 421 -7.43 -9.72 18.25
N MET A 422 -8.68 -9.48 17.86
CA MET A 422 -9.20 -8.13 17.68
C MET A 422 -9.12 -7.23 18.92
N HIS A 423 -9.23 -7.83 20.11
CA HIS A 423 -9.23 -7.05 21.34
C HIS A 423 -7.83 -6.57 21.72
N LYS A 424 -6.82 -7.00 20.97
CA LYS A 424 -5.45 -6.60 21.24
C LYS A 424 -4.88 -5.73 20.12
N ILE A 425 -5.67 -5.56 19.05
CA ILE A 425 -5.23 -4.77 17.91
C ILE A 425 -4.98 -3.32 18.29
N LYS A 426 -5.91 -2.74 19.06
CA LYS A 426 -5.78 -1.35 19.50
C LYS A 426 -4.53 -1.13 20.34
N ALA A 427 -4.21 -2.13 21.17
CA ALA A 427 -3.04 -2.05 22.04
C ALA A 427 -1.74 -1.97 21.25
N ASN A 428 -1.66 -2.71 20.16
CA ASN A 428 -0.49 -2.69 19.29
C ASN A 428 -0.28 -1.31 18.66
N MET A 429 -1.37 -0.70 18.22
CA MET A 429 -1.32 0.59 17.56
C MET A 429 -0.90 1.69 18.54
N ASP A 430 -1.35 1.56 19.79
CA ASP A 430 -1.05 2.57 20.81
C ASP A 430 0.43 2.54 21.20
N GLU A 431 0.99 1.34 21.32
CA GLU A 431 2.39 1.18 21.67
C GLU A 431 3.29 1.71 20.57
N GLN A 432 2.88 1.49 19.33
CA GLN A 432 3.68 1.89 18.17
C GLN A 432 3.78 3.41 18.07
N LEU A 433 2.64 4.08 18.17
CA LEU A 433 2.60 5.54 18.06
C LEU A 433 3.42 6.20 19.16
N LYS A 434 3.37 5.65 20.37
CA LYS A 434 4.07 6.24 21.51
C LYS A 434 5.56 6.02 21.43
N HIS A 435 5.97 4.79 21.17
CA HIS A 435 7.38 4.42 21.26
C HIS A 435 8.14 4.60 19.95
N CYS A 436 7.44 4.57 18.82
CA CYS A 436 8.09 4.76 17.53
C CYS A 436 7.80 6.16 16.97
N HIS A 437 7.24 7.01 17.82
CA HIS A 437 7.11 8.44 17.53
C HIS A 437 6.33 8.72 16.24
N GLU A 438 5.20 8.04 16.09
CA GLU A 438 4.29 8.25 14.96
C GLU A 438 4.93 7.97 13.60
N ALA A 439 5.91 7.07 13.59
CA ALA A 439 6.49 6.61 12.34
C ALA A 439 5.49 5.71 11.61
N PRO A 440 5.52 5.70 10.27
CA PRO A 440 4.61 4.89 9.46
C PRO A 440 4.61 3.42 9.87
N PHE A 441 3.43 2.85 10.08
CA PHE A 441 3.31 1.46 10.52
C PHE A 441 3.11 0.52 9.35
N TYR A 442 3.77 -0.64 9.41
CA TYR A 442 3.73 -1.64 8.36
C TYR A 442 3.36 -2.99 8.98
N THR A 443 2.19 -3.52 8.65
CA THR A 443 1.70 -4.72 9.34
C THR A 443 1.41 -5.89 8.40
N LEU A 444 1.78 -7.08 8.86
CA LEU A 444 1.44 -8.32 8.16
C LEU A 444 0.10 -8.83 8.69
N GLY A 445 -0.98 -8.18 8.25
CA GLY A 445 -2.31 -8.50 8.75
C GLY A 445 -2.81 -7.38 9.65
N PRO A 446 -3.09 -7.69 10.92
CA PRO A 446 -2.85 -9.00 11.54
C PRO A 446 -3.97 -10.02 11.31
N LEU A 447 -3.64 -11.30 11.47
CA LEU A 447 -4.64 -12.37 11.42
C LEU A 447 -5.38 -12.41 12.75
N THR A 448 -6.71 -12.32 12.69
CA THR A 448 -7.53 -12.27 13.90
C THR A 448 -7.77 -13.65 14.50
N THR A 449 -7.49 -14.69 13.73
CA THR A 449 -7.67 -16.06 14.21
C THR A 449 -6.67 -17.01 13.56
N ASP A 450 -6.53 -18.21 14.12
CA ASP A 450 -5.53 -19.16 13.66
C ASP A 450 -6.15 -20.45 13.13
N ILE A 451 -7.48 -20.52 13.12
CA ILE A 451 -8.18 -21.76 12.83
C ILE A 451 -8.63 -21.92 11.38
N ALA A 452 -8.35 -20.92 10.55
CA ALA A 452 -8.83 -20.96 9.17
C ALA A 452 -7.72 -20.88 8.13
N PRO A 453 -6.97 -21.98 7.94
CA PRO A 453 -5.98 -22.02 6.86
C PRO A 453 -6.66 -22.16 5.50
N GLY A 454 -6.18 -21.41 4.51
CA GLY A 454 -6.81 -21.38 3.21
C GLY A 454 -7.69 -20.15 3.07
N TYR A 455 -8.07 -19.58 4.20
CA TYR A 455 -8.90 -18.37 4.23
C TYR A 455 -8.22 -17.28 5.06
N ASP A 456 -6.90 -17.39 5.20
CA ASP A 456 -6.14 -16.43 6.00
C ASP A 456 -6.02 -15.08 5.32
N HIS A 457 -6.54 -14.97 4.10
CA HIS A 457 -6.62 -13.67 3.42
C HIS A 457 -7.81 -12.90 3.97
N ILE A 458 -8.78 -13.62 4.52
CA ILE A 458 -9.97 -13.02 5.10
C ILE A 458 -9.80 -12.80 6.60
N THR A 459 -9.19 -13.76 7.27
CA THR A 459 -8.93 -13.64 8.70
C THR A 459 -8.01 -12.48 9.00
N SER A 460 -7.11 -12.19 8.06
CA SER A 460 -6.18 -11.08 8.23
C SER A 460 -6.79 -9.77 7.73
N ALA A 461 -7.72 -9.88 6.79
CA ALA A 461 -8.41 -8.71 6.26
C ALA A 461 -9.21 -8.00 7.36
N ILE A 462 -9.77 -8.78 8.27
CA ILE A 462 -10.50 -8.24 9.41
C ILE A 462 -9.57 -7.41 10.29
N GLY A 463 -8.36 -7.93 10.52
CA GLY A 463 -7.38 -7.24 11.33
C GLY A 463 -6.69 -6.11 10.60
N ALA A 464 -6.51 -6.28 9.29
CA ALA A 464 -5.84 -5.28 8.46
C ALA A 464 -6.67 -4.02 8.34
N ALA A 465 -7.98 -4.17 8.24
CA ALA A 465 -8.88 -3.05 8.14
C ALA A 465 -8.97 -2.31 9.47
N MET A 466 -8.98 -3.07 10.56
CA MET A 466 -9.10 -2.50 11.90
C MET A 466 -7.88 -1.68 12.27
N ILE A 467 -6.68 -2.26 12.14
CA ILE A 467 -5.46 -1.57 12.52
C ILE A 467 -5.10 -0.50 11.48
N GLY A 468 -5.62 -0.67 10.26
CA GLY A 468 -5.45 0.32 9.23
C GLY A 468 -6.34 1.52 9.53
N TRP A 469 -7.51 1.23 10.09
CA TRP A 469 -8.42 2.26 10.57
C TRP A 469 -7.81 2.99 11.77
N PHE A 470 -7.16 2.24 12.64
CA PHE A 470 -6.54 2.80 13.84
C PHE A 470 -5.37 3.72 13.48
N GLY A 471 -4.78 3.50 12.30
CA GLY A 471 -3.77 4.40 11.81
C GLY A 471 -2.54 3.77 11.16
N THR A 472 -2.70 2.58 10.60
CA THR A 472 -1.56 1.92 9.95
C THR A 472 -1.35 2.48 8.54
N ALA A 473 -0.09 2.73 8.21
CA ALA A 473 0.27 3.36 6.94
C ALA A 473 0.23 2.39 5.77
N MET A 474 0.76 1.20 5.97
CA MET A 474 0.80 0.19 4.92
C MET A 474 0.51 -1.21 5.46
N LEU A 475 -0.14 -2.03 4.64
CA LEU A 475 -0.53 -3.38 5.03
C LEU A 475 0.06 -4.42 4.09
N CYS A 476 0.90 -5.32 4.63
CA CYS A 476 1.44 -6.42 3.84
C CYS A 476 0.36 -7.48 3.67
N TYR A 477 0.11 -7.90 2.44
CA TYR A 477 -1.02 -8.79 2.18
C TYR A 477 -0.75 -10.21 2.63
N VAL A 478 -1.82 -10.98 2.81
CA VAL A 478 -1.72 -12.38 3.15
C VAL A 478 -2.53 -13.20 2.16
N THR A 479 -1.86 -14.12 1.47
CA THR A 479 -2.52 -14.96 0.47
C THR A 479 -3.46 -15.95 1.15
N PRO A 480 -4.53 -16.37 0.45
CA PRO A 480 -5.50 -17.35 0.96
C PRO A 480 -4.83 -18.58 1.56
N LYS A 481 -4.25 -19.41 0.70
CA LYS A 481 -3.53 -20.59 1.15
C LYS A 481 -2.10 -20.25 1.54
N GLU A 482 -1.95 -19.48 2.62
CA GLU A 482 -0.63 -19.06 3.10
C GLU A 482 -0.02 -20.08 4.03
N HIS A 483 -0.81 -20.60 4.97
CA HIS A 483 -0.36 -21.65 5.87
C HIS A 483 -0.63 -23.04 5.27
N LEU A 484 -0.61 -23.11 3.94
CA LEU A 484 -0.87 -24.36 3.24
C LEU A 484 0.15 -24.63 2.14
N GLY A 485 0.57 -23.57 1.45
CA GLY A 485 1.56 -23.70 0.39
C GLY A 485 1.82 -22.41 -0.36
N LEU A 486 2.44 -22.52 -1.53
CA LEU A 486 2.72 -21.35 -2.36
C LEU A 486 1.45 -20.88 -3.07
N PRO A 487 1.28 -19.56 -3.19
CA PRO A 487 0.11 -18.98 -3.86
C PRO A 487 0.21 -19.07 -5.38
N ASP A 488 -0.90 -19.40 -6.04
CA ASP A 488 -0.92 -19.43 -7.50
C ASP A 488 -1.29 -18.04 -8.02
N ARG A 489 -1.43 -17.93 -9.34
CA ARG A 489 -1.66 -16.64 -9.99
C ARG A 489 -3.01 -16.02 -9.60
N ASP A 490 -3.97 -16.87 -9.25
CA ASP A 490 -5.31 -16.38 -8.90
C ASP A 490 -5.39 -16.01 -7.41
N ASP A 491 -4.62 -16.70 -6.58
CA ASP A 491 -4.59 -16.40 -5.15
C ASP A 491 -3.89 -15.08 -4.88
N VAL A 492 -2.92 -14.74 -5.72
CA VAL A 492 -2.21 -13.47 -5.61
C VAL A 492 -3.18 -12.33 -5.89
N LYS A 493 -3.96 -12.47 -6.96
CA LYS A 493 -4.98 -11.49 -7.30
C LYS A 493 -6.02 -11.40 -6.18
N THR A 494 -6.39 -12.54 -5.63
CA THR A 494 -7.34 -12.59 -4.52
C THR A 494 -6.79 -11.82 -3.33
N GLY A 495 -5.51 -12.02 -3.03
CA GLY A 495 -4.86 -11.34 -1.92
C GLY A 495 -4.79 -9.83 -2.09
N VAL A 496 -4.42 -9.39 -3.28
CA VAL A 496 -4.29 -7.96 -3.56
C VAL A 496 -5.64 -7.25 -3.45
N ILE A 497 -6.65 -7.82 -4.11
CA ILE A 497 -8.00 -7.25 -4.07
C ILE A 497 -8.55 -7.23 -2.65
N THR A 498 -8.29 -8.30 -1.90
CA THR A 498 -8.76 -8.41 -0.52
C THR A 498 -8.16 -7.32 0.35
N TYR A 499 -6.91 -6.98 0.09
CA TYR A 499 -6.21 -5.98 0.89
C TYR A 499 -6.43 -4.57 0.35
N LYS A 500 -6.83 -4.47 -0.91
CA LYS A 500 -7.18 -3.17 -1.49
C LYS A 500 -8.49 -2.66 -0.88
N LEU A 501 -9.41 -3.57 -0.61
CA LEU A 501 -10.68 -3.19 0.01
C LEU A 501 -10.51 -2.96 1.50
N ALA A 502 -9.66 -3.77 2.14
CA ALA A 502 -9.38 -3.62 3.56
C ALA A 502 -8.72 -2.27 3.81
N ALA A 503 -7.85 -1.86 2.90
CA ALA A 503 -7.22 -0.55 2.97
C ALA A 503 -8.26 0.54 2.74
N HIS A 504 -9.20 0.30 1.84
CA HIS A 504 -10.24 1.27 1.54
C HIS A 504 -11.30 1.31 2.63
N ALA A 505 -11.58 0.14 3.21
CA ALA A 505 -12.52 0.08 4.33
C ALA A 505 -11.99 0.90 5.49
N ALA A 506 -10.67 0.90 5.64
CA ALA A 506 -9.99 1.72 6.64
C ALA A 506 -10.04 3.19 6.25
N ASP A 507 -9.83 3.46 4.96
CA ASP A 507 -9.91 4.82 4.44
C ASP A 507 -11.30 5.39 4.60
N LEU A 508 -12.30 4.54 4.38
CA LEU A 508 -13.69 4.97 4.48
C LEU A 508 -14.07 5.29 5.93
N ALA A 509 -13.56 4.47 6.85
CA ALA A 509 -13.84 4.65 8.26
C ALA A 509 -13.11 5.87 8.81
N LYS A 510 -11.90 6.10 8.31
CA LYS A 510 -11.10 7.26 8.74
C LYS A 510 -11.67 8.55 8.17
N GLY A 511 -12.56 8.42 7.19
CA GLY A 511 -13.19 9.56 6.55
C GLY A 511 -12.23 10.32 5.66
N HIS A 512 -11.40 9.58 4.92
CA HIS A 512 -10.44 10.19 4.02
C HIS A 512 -11.15 10.87 2.85
N PRO A 513 -10.77 12.13 2.56
CA PRO A 513 -11.39 12.90 1.46
C PRO A 513 -11.12 12.28 0.09
N GLY A 514 -12.04 11.42 -0.35
CA GLY A 514 -11.90 10.75 -1.63
C GLY A 514 -12.18 9.26 -1.53
N ALA A 515 -12.74 8.84 -0.39
CA ALA A 515 -13.09 7.45 -0.18
C ALA A 515 -14.57 7.23 -0.46
N ALA A 516 -15.41 8.05 0.16
CA ALA A 516 -16.86 7.94 0.01
C ALA A 516 -17.28 8.23 -1.43
N MET A 517 -16.48 9.03 -2.13
CA MET A 517 -16.72 9.35 -3.54
C MET A 517 -16.85 8.08 -4.38
N TRP A 518 -15.95 7.12 -4.14
CA TRP A 518 -15.99 5.84 -4.84
C TRP A 518 -17.20 5.03 -4.38
N ASP A 519 -17.40 4.98 -3.07
CA ASP A 519 -18.54 4.27 -2.49
C ASP A 519 -19.87 4.82 -3.01
N ASP A 520 -19.98 6.14 -3.09
CA ASP A 520 -21.23 6.77 -3.49
C ASP A 520 -21.46 6.67 -4.99
N ALA A 521 -20.39 6.73 -5.77
CA ALA A 521 -20.50 6.65 -7.23
C ALA A 521 -21.04 5.31 -7.69
N ILE A 522 -20.58 4.24 -7.05
CA ILE A 522 -21.03 2.89 -7.39
C ILE A 522 -22.41 2.61 -6.77
N SER A 523 -22.72 3.30 -5.68
CA SER A 523 -24.02 3.14 -5.02
C SER A 523 -25.11 3.78 -5.87
N ARG A 524 -24.85 4.97 -6.39
CA ARG A 524 -25.78 5.62 -7.30
C ARG A 524 -25.90 4.84 -8.59
N ALA A 525 -24.85 4.11 -8.93
CA ALA A 525 -24.83 3.28 -10.14
C ALA A 525 -25.84 2.15 -10.02
N ARG A 526 -25.88 1.52 -8.84
CA ARG A 526 -26.84 0.45 -8.59
C ARG A 526 -28.25 1.00 -8.54
N PHE A 527 -28.38 2.19 -7.96
CA PHE A 527 -29.68 2.82 -7.77
C PHE A 527 -30.30 3.26 -9.09
N GLU A 528 -29.46 3.76 -10.00
CA GLU A 528 -29.94 4.23 -11.29
C GLU A 528 -29.88 3.12 -12.34
N PHE A 529 -29.64 1.90 -11.89
CA PHE A 529 -29.59 0.73 -12.76
C PHE A 529 -28.55 0.85 -13.88
N ARG A 530 -27.56 1.71 -13.69
CA ARG A 530 -26.47 1.85 -14.65
C ARG A 530 -25.51 0.68 -14.48
N TRP A 531 -25.86 -0.45 -15.09
CA TRP A 531 -25.16 -1.72 -14.88
C TRP A 531 -23.69 -1.69 -15.26
N GLU A 532 -23.39 -1.18 -16.45
CA GLU A 532 -22.02 -1.14 -16.96
C GLU A 532 -21.11 -0.36 -16.01
N ASP A 533 -21.63 0.73 -15.47
CA ASP A 533 -20.88 1.60 -14.58
C ASP A 533 -20.61 0.92 -13.23
N GLN A 534 -21.59 0.16 -12.76
CA GLN A 534 -21.47 -0.57 -11.50
C GLN A 534 -20.37 -1.60 -11.56
N PHE A 535 -20.21 -2.21 -12.74
CA PHE A 535 -19.20 -3.25 -12.94
C PHE A 535 -17.81 -2.65 -13.18
N ASN A 536 -17.77 -1.46 -13.77
CA ASN A 536 -16.52 -0.79 -14.07
C ASN A 536 -15.89 -0.14 -12.84
N LEU A 537 -16.74 0.25 -11.89
CA LEU A 537 -16.28 0.90 -10.66
C LEU A 537 -15.89 -0.11 -9.59
N GLY A 538 -16.20 -1.38 -9.84
CA GLY A 538 -15.84 -2.44 -8.93
C GLY A 538 -14.35 -2.52 -8.73
N LEU A 539 -13.94 -2.87 -7.51
CA LEU A 539 -12.52 -2.97 -7.17
C LEU A 539 -11.82 -3.95 -8.10
N ASP A 540 -12.51 -5.04 -8.44
CA ASP A 540 -12.04 -6.00 -9.42
C ASP A 540 -12.99 -6.03 -10.60
N PRO A 541 -12.77 -5.12 -11.57
CA PRO A 541 -13.66 -4.99 -12.73
C PRO A 541 -13.67 -6.25 -13.60
N GLU A 542 -12.54 -6.93 -13.70
CA GLU A 542 -12.45 -8.15 -14.50
C GLU A 542 -13.46 -9.21 -14.06
N THR A 543 -13.64 -9.33 -12.75
CA THR A 543 -14.62 -10.25 -12.19
C THR A 543 -16.03 -9.70 -12.33
N ALA A 544 -16.16 -8.40 -12.11
CA ALA A 544 -17.46 -7.73 -12.16
C ALA A 544 -18.00 -7.65 -13.58
N ARG A 545 -17.11 -7.48 -14.55
CA ARG A 545 -17.53 -7.38 -15.96
C ARG A 545 -17.89 -8.73 -16.55
N LYS A 546 -17.61 -9.80 -15.82
CA LYS A 546 -17.97 -11.14 -16.26
C LYS A 546 -19.49 -11.29 -16.31
N PHE A 547 -20.20 -10.45 -15.57
CA PHE A 547 -21.65 -10.45 -15.56
C PHE A 547 -22.19 -9.32 -16.44
N HIS A 548 -21.31 -8.77 -17.28
CA HIS A 548 -21.68 -7.65 -18.14
C HIS A 548 -21.69 -8.03 -19.62
N ASP A 549 -22.80 -7.73 -20.29
CA ASP A 549 -22.88 -7.88 -21.74
C ASP A 549 -22.72 -6.52 -22.40
N GLU A 550 -21.68 -6.38 -23.20
CA GLU A 550 -21.36 -5.10 -23.82
C GLU A 550 -22.26 -4.77 -25.01
N THR A 551 -23.11 -5.72 -25.39
CA THR A 551 -24.03 -5.51 -26.50
C THR A 551 -25.37 -4.97 -26.03
N LEU A 552 -25.74 -5.32 -24.81
CA LEU A 552 -26.97 -4.82 -24.19
C LEU A 552 -26.95 -3.30 -24.10
N PRO A 553 -28.13 -2.67 -24.18
CA PRO A 553 -28.24 -1.21 -24.08
C PRO A 553 -27.71 -0.68 -22.74
N LYS A 554 -26.83 0.31 -22.80
CA LYS A 554 -26.33 0.95 -21.60
C LYS A 554 -27.36 1.95 -21.09
N GLU A 555 -28.26 1.47 -20.22
CA GLU A 555 -29.36 2.28 -19.72
C GLU A 555 -28.97 3.10 -18.49
N ALA A 556 -29.74 4.13 -18.20
CA ALA A 556 -29.49 4.99 -17.04
C ALA A 556 -30.79 5.60 -16.53
N HIS A 557 -31.50 4.83 -15.71
CA HIS A 557 -32.82 5.24 -15.22
C HIS A 557 -32.73 6.09 -13.96
N LYS A 558 -32.75 7.41 -14.15
CA LYS A 558 -32.75 8.33 -13.02
C LYS A 558 -34.16 8.54 -12.51
N THR A 559 -34.39 8.18 -11.25
CA THR A 559 -35.72 8.27 -10.67
C THR A 559 -35.74 9.13 -9.40
N ALA A 560 -36.92 9.36 -8.86
CA ALA A 560 -37.08 10.11 -7.63
C ALA A 560 -38.13 9.44 -6.73
N HIS A 561 -37.99 9.62 -5.41
CA HIS A 561 -38.93 9.05 -4.47
C HIS A 561 -40.31 9.70 -4.62
N PHE A 562 -41.35 8.89 -4.50
CA PHE A 562 -42.72 9.39 -4.62
C PHE A 562 -43.04 10.40 -3.54
N CYS A 563 -42.57 10.14 -2.32
CA CYS A 563 -42.87 10.98 -1.17
C CYS A 563 -42.16 12.34 -1.26
N SER A 564 -41.14 12.40 -2.09
CA SER A 564 -40.40 13.65 -2.29
C SER A 564 -41.27 14.66 -3.05
N MET A 565 -42.25 14.15 -3.79
CA MET A 565 -43.15 15.01 -4.55
C MET A 565 -44.41 15.32 -3.74
N CYS A 566 -44.48 14.75 -2.53
CA CYS A 566 -45.58 15.04 -1.62
C CYS A 566 -45.27 16.30 -0.82
N GLY A 567 -46.13 17.31 -0.95
CA GLY A 567 -45.90 18.61 -0.33
C GLY A 567 -45.94 18.62 1.19
N PRO A 568 -47.14 18.57 1.77
CA PRO A 568 -47.33 18.78 3.21
C PRO A 568 -47.16 17.56 4.11
N LYS A 569 -46.77 16.40 3.54
CA LYS A 569 -46.54 15.19 4.33
C LYS A 569 -47.74 14.82 5.20
N PHE A 570 -48.79 14.27 4.58
CA PHE A 570 -50.03 13.96 5.30
C PHE A 570 -49.85 12.85 6.32
N CYS A 571 -48.87 11.98 6.08
CA CYS A 571 -48.60 10.86 6.97
C CYS A 571 -48.05 11.35 8.31
N SER A 572 -47.40 12.50 8.30
CA SER A 572 -46.85 13.09 9.52
C SER A 572 -47.97 13.75 10.34
N MET A 573 -48.93 14.34 9.64
CA MET A 573 -50.06 14.98 10.29
C MET A 573 -50.90 13.97 11.07
N LYS A 574 -51.23 12.86 10.42
CA LYS A 574 -52.10 11.84 11.00
C LYS A 574 -51.50 11.20 12.24
N ILE A 575 -50.20 10.88 12.19
CA ILE A 575 -49.54 10.23 13.32
C ILE A 575 -49.31 11.23 14.46
N SER A 576 -49.15 12.50 14.12
CA SER A 576 -48.97 13.54 15.13
C SER A 576 -50.32 14.00 15.67
N GLN A 577 -51.38 13.43 15.13
CA GLN A 577 -52.74 13.73 15.58
C GLN A 577 -53.27 12.64 16.48
N GLU A 578 -52.99 11.39 16.11
CA GLU A 578 -53.51 10.24 16.87
C GLU A 578 -52.80 10.05 18.20
N VAL A 579 -51.70 10.77 18.40
CA VAL A 579 -50.95 10.68 19.65
C VAL A 579 -51.39 11.78 20.62
N ARG A 580 -51.74 12.94 20.08
CA ARG A 580 -52.11 14.09 20.90
C ARG A 580 -53.62 14.31 20.96
N ASP A 581 -54.31 14.03 19.86
CA ASP A 581 -55.75 14.27 19.78
C ASP A 581 -56.48 13.08 19.16
N PHE A 582 -56.87 12.12 20.01
CA PHE A 582 -57.57 10.94 19.55
C PHE A 582 -59.04 11.22 19.25
N ALA A 583 -59.48 12.43 19.59
CA ALA A 583 -60.87 12.83 19.39
C ALA A 583 -61.09 13.38 17.98
N ALA A 584 -60.01 13.86 17.37
CA ALA A 584 -60.09 14.48 16.05
C ALA A 584 -60.11 13.45 14.93
N GLY A 585 -60.12 12.17 15.31
CA GLY A 585 -60.08 11.09 14.34
C GLY A 585 -61.45 10.62 13.89
N LYS A 586 -62.50 11.15 14.52
CA LYS A 586 -63.86 10.76 14.20
C LYS A 586 -64.44 11.57 13.05
N ALA A 587 -63.56 12.04 12.17
CA ALA A 587 -63.97 12.85 11.03
C ALA A 587 -62.90 12.81 9.93
N PRO A 588 -63.33 12.92 8.67
CA PRO A 588 -62.38 12.94 7.55
C PRO A 588 -61.47 14.16 7.59
N ASN A 589 -60.21 13.95 7.96
CA ASN A 589 -59.24 15.03 8.09
C ASN A 589 -58.91 15.66 6.75
N SER A 590 -58.15 16.75 6.79
CA SER A 590 -57.56 17.29 5.58
C SER A 590 -56.33 16.46 5.25
N ALA A 591 -55.86 15.72 6.25
CA ALA A 591 -54.74 14.80 6.08
C ALA A 591 -55.23 13.45 5.57
N GLU A 592 -56.34 12.98 6.12
CA GLU A 592 -56.91 11.69 5.71
C GLU A 592 -57.35 11.74 4.24
N LEU A 593 -57.97 12.84 3.86
CA LEU A 593 -58.40 13.05 2.48
C LEU A 593 -57.20 13.33 1.58
N GLY A 594 -56.16 13.92 2.16
CA GLY A 594 -54.94 14.20 1.45
C GLY A 594 -54.12 12.94 1.21
N MET A 595 -54.28 11.96 2.09
CA MET A 595 -53.63 10.67 1.94
C MET A 595 -54.35 9.84 0.90
N ALA A 596 -55.67 10.03 0.78
CA ALA A 596 -56.45 9.37 -0.23
C ALA A 596 -56.08 9.89 -1.61
N GLU A 597 -55.62 11.14 -1.65
CA GLU A 597 -55.15 11.75 -2.88
C GLU A 597 -53.85 11.11 -3.33
N MET A 598 -52.95 10.91 -2.37
CA MET A 598 -51.64 10.32 -2.66
C MET A 598 -51.76 8.85 -3.03
N SER A 599 -52.69 8.15 -2.38
CA SER A 599 -52.98 6.77 -2.75
C SER A 599 -53.47 6.71 -4.19
N GLU A 600 -54.28 7.68 -4.56
CA GLU A 600 -54.80 7.78 -5.92
C GLU A 600 -53.68 8.03 -6.92
N LYS A 601 -52.87 9.04 -6.64
CA LYS A 601 -51.78 9.43 -7.55
C LYS A 601 -50.71 8.34 -7.63
N PHE A 602 -50.50 7.63 -6.52
CA PHE A 602 -49.52 6.55 -6.48
C PHE A 602 -49.91 5.41 -7.42
N ARG A 603 -51.17 5.00 -7.33
CA ARG A 603 -51.67 3.90 -8.16
C ARG A 603 -51.84 4.33 -9.62
N GLU A 604 -52.16 5.61 -9.82
CA GLU A 604 -52.34 6.13 -11.17
C GLU A 604 -51.00 6.25 -11.90
N GLN A 605 -49.94 6.51 -11.16
CA GLN A 605 -48.61 6.66 -11.75
C GLN A 605 -47.93 5.30 -11.97
N GLY A 606 -48.63 4.23 -11.64
CA GLY A 606 -48.14 2.89 -11.90
C GLY A 606 -47.69 2.13 -10.66
N SER A 607 -48.12 2.60 -9.50
CA SER A 607 -47.76 1.98 -8.22
C SER A 607 -46.25 1.77 -8.09
N GLU A 608 -45.49 2.83 -8.35
CA GLU A 608 -44.04 2.77 -8.26
C GLU A 608 -43.52 3.69 -7.15
N ILE A 609 -42.59 3.17 -6.35
CA ILE A 609 -42.00 3.97 -5.28
C ILE A 609 -41.07 5.03 -5.85
N TYR A 610 -40.38 4.67 -6.93
CA TYR A 610 -39.42 5.58 -7.55
C TYR A 610 -39.82 5.93 -8.97
N LEU A 611 -40.47 7.08 -9.13
CA LEU A 611 -40.93 7.54 -10.44
C LEU A 611 -39.76 8.06 -11.28
N LYS A 612 -39.73 7.66 -12.55
CA LYS A 612 -38.63 8.05 -13.43
C LYS A 612 -38.71 9.51 -13.84
N THR A 613 -37.54 10.15 -13.92
CA THR A 613 -37.43 11.53 -14.38
C THR A 613 -37.44 11.59 -15.89
N GLU A 614 -36.67 10.71 -16.51
CA GLU A 614 -36.57 10.65 -17.97
C GLU A 614 -36.92 9.26 -18.48
FE1 SF4 B . -45.09 9.92 1.16
FE2 SF4 B . -46.81 12.05 1.26
FE3 SF4 B . -46.42 10.57 3.55
FE4 SF4 B . -47.82 9.56 1.48
S1 SF4 B . -48.29 11.36 2.70
S2 SF4 B . -46.16 8.59 2.54
S3 SF4 B . -46.75 10.42 -0.20
S4 SF4 B . -44.96 11.76 2.43
P PO4 C . 10.34 -12.04 7.65
O1 PO4 C . 11.10 -13.29 8.02
O2 PO4 C . 9.08 -12.41 6.91
O3 PO4 C . 9.98 -11.28 8.91
O4 PO4 C . 11.21 -11.16 6.77
#